data_5AD0
#
_entry.id   5AD0
#
_cell.length_a   73.861
_cell.length_b   72.329
_cell.length_c   73.528
_cell.angle_alpha   90.00
_cell.angle_beta   90.00
_cell.angle_gamma   90.00
#
_symmetry.space_group_name_H-M   'P 21 21 21'
#
loop_
_entity.id
_entity.type
_entity.pdbx_description
1 polymer 'MHC CLASS I ALPHA CHAIN 2'
2 polymer BETA-2-MICROGLOBULIN
3 polymer '11MER PEPTIDE'
4 non-polymer 'CALCIUM ION'
5 non-polymer 1,2-ETHANEDIOL
6 water water
#
loop_
_entity_poly.entity_id
_entity_poly.type
_entity_poly.pdbx_seq_one_letter_code
_entity_poly.pdbx_strand_id
1 'polypeptide(L)'
;MGSCGALGLGLLLAAVCGAAAELHTLRYIRTAMTDPGPGLPWFVDVGYVDGELFMHYNSTARRAVPRTEWIAANTDQQYW
DRETQIVQGSEQINRENLDILRRRYNQTGGSHTVQWMSGCDILEDGTIRGYHQAAYDGRDFVAFDKGTMTLTAAVPEAVP
TKRKWEEGGYAEGLKQYLEETCVEWLRRYVEYGKAELGRRERPEVRVWGKEADGILTLSCRAHGFYPRPIVVSWLKDGAV
RGQDAQSGGIVPNGDGTYHTWVTIDAQPGDGDKYQCRVEHASLPQPGLYSWRSGGGLNDIFEAQKIEWHENSSSVDKLAA
ALEHHHHHH
;
A
2 'polypeptide(L)'
;DLTPKVQVYSRFPASAGTKNVLNCFAAGFHPPKISITLMKDGVPMEGAQYSDMSFNDDWTFQRLVHADFTPSSGSTYACK
VEHETLKEPQVYKWDPEF
;
B
3 'polypeptide(L)' GHAEEYGADTL C
#
# COMPACT_ATOMS: atom_id res chain seq x y z
N LEU A 23 1.02 -20.12 -0.36
CA LEU A 23 1.98 -19.09 -0.01
C LEU A 23 1.37 -18.11 1.01
N HIS A 24 2.07 -17.88 2.13
CA HIS A 24 1.66 -16.98 3.20
C HIS A 24 2.81 -16.05 3.60
N THR A 25 2.50 -14.75 3.79
CA THR A 25 3.50 -13.73 4.12
C THR A 25 3.12 -12.88 5.34
N LEU A 26 4.12 -12.56 6.18
CA LEU A 26 4.00 -11.69 7.35
C LEU A 26 4.97 -10.53 7.16
N ARG A 27 4.48 -9.29 7.24
CA ARG A 27 5.28 -8.08 7.02
C ARG A 27 4.99 -6.98 8.04
N TYR A 28 6.06 -6.44 8.65
CA TYR A 28 5.98 -5.34 9.62
C TYR A 28 6.81 -4.18 9.10
N ILE A 29 6.16 -3.03 8.83
CA ILE A 29 6.83 -1.84 8.31
C ILE A 29 6.71 -0.64 9.25
N ARG A 30 7.83 0.08 9.46
CA ARG A 30 7.93 1.25 10.33
C ARG A 30 8.45 2.47 9.57
N THR A 31 8.02 3.68 10.00
CA THR A 31 8.45 4.95 9.41
C THR A 31 8.69 6.00 10.49
N ALA A 32 9.87 6.64 10.45
CA ALA A 32 10.27 7.71 11.37
C ALA A 32 10.44 8.98 10.54
N MET A 33 9.49 9.92 10.67
CA MET A 33 9.45 11.17 9.89
C MET A 33 9.85 12.40 10.69
N THR A 34 10.42 13.40 9.98
CA THR A 34 10.82 14.69 10.55
C THR A 34 9.70 15.71 10.27
N ASP A 35 9.14 15.69 9.04
CA ASP A 35 8.04 16.55 8.61
C ASP A 35 6.84 15.70 8.11
N PRO A 36 5.85 15.41 9.00
CA PRO A 36 4.69 14.59 8.60
C PRO A 36 3.63 15.29 7.69
N GLY A 37 3.18 16.56 7.92
CA GLY A 37 3.58 17.54 8.95
C GLY A 37 2.44 17.91 9.90
N PRO A 38 1.53 18.85 9.49
CA PRO A 38 0.43 19.29 10.37
C PRO A 38 -0.65 18.24 10.62
N GLY A 39 -0.96 18.01 11.91
CA GLY A 39 -1.98 17.06 12.39
C GLY A 39 -1.72 15.60 12.02
N LEU A 40 -0.44 15.21 11.89
CA LEU A 40 -0.05 13.84 11.52
C LEU A 40 1.08 13.31 12.42
N PRO A 41 1.03 12.00 12.81
CA PRO A 41 2.09 11.42 13.65
C PRO A 41 3.41 11.22 12.91
N TRP A 42 4.54 11.37 13.64
CA TRP A 42 5.89 11.21 13.09
C TRP A 42 6.31 9.74 12.98
N PHE A 43 5.75 8.86 13.84
CA PHE A 43 6.04 7.42 13.83
C PHE A 43 4.79 6.62 13.53
N VAL A 44 4.84 5.80 12.45
CA VAL A 44 3.73 4.95 12.01
C VAL A 44 4.25 3.51 11.82
N ASP A 45 3.61 2.53 12.50
CA ASP A 45 3.94 1.11 12.42
C ASP A 45 2.69 0.30 12.10
N VAL A 46 2.74 -0.51 11.03
CA VAL A 46 1.62 -1.36 10.57
C VAL A 46 2.07 -2.79 10.23
N GLY A 47 1.18 -3.77 10.48
CA GLY A 47 1.43 -5.19 10.21
C GLY A 47 0.57 -5.69 9.05
N TYR A 48 1.06 -6.72 8.34
CA TYR A 48 0.39 -7.32 7.18
C TYR A 48 0.40 -8.85 7.19
N VAL A 49 -0.78 -9.45 6.93
CA VAL A 49 -0.97 -10.91 6.83
C VAL A 49 -1.52 -11.17 5.42
N ASP A 50 -0.70 -11.81 4.56
CA ASP A 50 -1.00 -12.13 3.15
C ASP A 50 -1.39 -10.89 2.32
N GLY A 51 -0.83 -9.71 2.69
CA GLY A 51 -1.08 -8.43 2.02
C GLY A 51 -2.29 -7.68 2.58
N GLU A 52 -2.75 -8.05 3.80
CA GLU A 52 -3.90 -7.42 4.45
C GLU A 52 -3.53 -6.79 5.79
N LEU A 53 -3.93 -5.51 5.99
CA LEU A 53 -3.67 -4.73 7.21
C LEU A 53 -4.46 -5.30 8.39
N PHE A 54 -3.76 -5.68 9.48
CA PHE A 54 -4.40 -6.26 10.66
C PHE A 54 -4.10 -5.48 11.95
N MET A 55 -2.99 -4.72 12.00
CA MET A 55 -2.62 -3.92 13.17
C MET A 55 -2.09 -2.52 12.80
N HIS A 56 -2.26 -1.56 13.71
CA HIS A 56 -1.85 -0.17 13.52
C HIS A 56 -1.28 0.45 14.82
N TYR A 57 -0.24 1.29 14.67
CA TYR A 57 0.41 2.02 15.76
C TYR A 57 0.85 3.40 15.27
N ASN A 58 0.62 4.43 16.11
CA ASN A 58 0.99 5.81 15.84
C ASN A 58 1.54 6.49 17.10
N SER A 59 2.48 7.44 16.92
CA SER A 59 3.14 8.19 17.99
C SER A 59 2.20 9.12 18.79
N THR A 60 1.00 9.43 18.24
CA THR A 60 0.01 10.29 18.89
C THR A 60 -0.80 9.49 19.93
N ALA A 61 -1.39 8.35 19.52
CA ALA A 61 -2.18 7.48 20.38
C ALA A 61 -1.32 6.63 21.33
N ARG A 62 -0.09 6.27 20.90
CA ARG A 62 0.90 5.48 21.64
C ARG A 62 0.40 4.06 22.03
N ARG A 63 -0.54 3.50 21.24
CA ARG A 63 -1.11 2.18 21.49
C ARG A 63 -1.34 1.37 20.21
N ALA A 64 -1.09 0.05 20.28
CA ALA A 64 -1.30 -0.89 19.17
C ALA A 64 -2.78 -1.29 19.13
N VAL A 65 -3.44 -1.06 17.98
CA VAL A 65 -4.87 -1.35 17.79
C VAL A 65 -5.15 -2.40 16.70
N PRO A 66 -6.24 -3.21 16.85
CA PRO A 66 -6.60 -4.19 15.81
C PRO A 66 -7.35 -3.50 14.66
N ARG A 67 -7.09 -3.94 13.41
CA ARG A 67 -7.73 -3.37 12.22
C ARG A 67 -8.75 -4.30 11.56
N THR A 68 -8.62 -5.63 11.78
CA THR A 68 -9.54 -6.63 11.23
C THR A 68 -10.38 -7.30 12.33
N GLU A 69 -11.54 -7.87 11.95
CA GLU A 69 -12.48 -8.54 12.84
C GLU A 69 -11.93 -9.87 13.38
N TRP A 70 -11.17 -10.63 12.55
CA TRP A 70 -10.60 -11.93 12.92
C TRP A 70 -9.48 -11.84 13.96
N ILE A 71 -8.70 -10.75 13.97
CA ILE A 71 -7.60 -10.59 14.92
C ILE A 71 -8.13 -10.17 16.32
N ALA A 72 -9.07 -9.19 16.37
CA ALA A 72 -9.67 -8.67 17.60
C ALA A 72 -10.46 -9.71 18.39
N ALA A 73 -11.18 -10.61 17.68
CA ALA A 73 -11.99 -11.66 18.29
C ALA A 73 -11.16 -12.83 18.83
N ASN A 74 -9.92 -13.00 18.33
CA ASN A 74 -9.02 -14.10 18.72
C ASN A 74 -7.86 -13.68 19.62
N THR A 75 -7.71 -12.37 19.92
CA THR A 75 -6.64 -11.86 20.80
C THR A 75 -7.18 -11.15 22.03
N ASP A 76 -6.48 -11.33 23.17
CA ASP A 76 -6.80 -10.71 24.46
C ASP A 76 -6.06 -9.38 24.64
N GLN A 77 -6.42 -8.59 25.68
CA GLN A 77 -5.80 -7.30 26.01
C GLN A 77 -4.34 -7.47 26.45
N GLN A 78 -4.01 -8.62 27.09
CA GLN A 78 -2.66 -8.97 27.56
C GLN A 78 -1.67 -9.11 26.40
N TYR A 79 -2.18 -9.53 25.22
CA TYR A 79 -1.41 -9.68 23.97
C TYR A 79 -1.09 -8.27 23.42
N TRP A 80 -2.10 -7.38 23.41
CA TRP A 80 -1.96 -6.01 22.91
C TRP A 80 -1.15 -5.12 23.84
N ASP A 81 -1.18 -5.38 25.17
CA ASP A 81 -0.38 -4.65 26.16
C ASP A 81 1.10 -4.98 25.98
N ARG A 82 1.40 -6.25 25.62
CA ARG A 82 2.75 -6.77 25.34
C ARG A 82 3.25 -6.16 24.03
N GLU A 83 2.38 -6.09 23.01
CA GLU A 83 2.67 -5.53 21.68
C GLU A 83 2.94 -4.02 21.72
N THR A 84 2.21 -3.29 22.58
CA THR A 84 2.36 -1.83 22.76
C THR A 84 3.74 -1.48 23.34
N GLN A 85 4.19 -2.24 24.36
CA GLN A 85 5.48 -2.08 25.03
C GLN A 85 6.67 -2.26 24.09
N ILE A 86 6.56 -3.18 23.11
CA ILE A 86 7.59 -3.47 22.11
C ILE A 86 7.77 -2.30 21.12
N VAL A 87 6.67 -1.82 20.52
CA VAL A 87 6.69 -0.72 19.54
C VAL A 87 7.02 0.63 20.22
N GLN A 88 6.71 0.78 21.53
CA GLN A 88 7.03 1.98 22.31
C GLN A 88 8.54 2.14 22.45
N GLY A 89 9.27 1.01 22.62
CA GLY A 89 10.73 0.97 22.72
C GLY A 89 11.36 1.18 21.34
N SER A 90 10.69 0.66 20.28
CA SER A 90 11.11 0.78 18.89
C SER A 90 10.93 2.23 18.39
N GLU A 91 9.92 2.94 18.94
CA GLU A 91 9.60 4.34 18.62
C GLU A 91 10.75 5.26 19.05
N GLN A 92 11.29 5.04 20.27
CA GLN A 92 12.38 5.83 20.83
C GLN A 92 13.73 5.57 20.16
N ILE A 93 13.94 4.35 19.63
CA ILE A 93 15.16 3.97 18.92
C ILE A 93 15.21 4.68 17.56
N ASN A 94 14.08 4.69 16.83
CA ASN A 94 13.95 5.36 15.53
C ASN A 94 13.95 6.89 15.67
N ARG A 95 13.60 7.40 16.88
CA ARG A 95 13.61 8.82 17.23
C ARG A 95 15.07 9.26 17.33
N GLU A 96 15.94 8.41 17.91
CA GLU A 96 17.37 8.64 18.05
C GLU A 96 18.08 8.49 16.71
N ASN A 97 17.61 7.54 15.86
CA ASN A 97 18.15 7.26 14.53
C ASN A 97 18.09 8.48 13.59
N LEU A 98 17.05 9.31 13.72
CA LEU A 98 16.86 10.53 12.93
C LEU A 98 17.96 11.56 13.21
N ASP A 99 18.42 11.65 14.48
CA ASP A 99 19.47 12.56 14.91
C ASP A 99 20.87 12.01 14.61
N ILE A 100 21.10 10.69 14.84
CA ILE A 100 22.37 10.00 14.60
C ILE A 100 22.74 10.05 13.10
N LEU A 101 21.78 9.74 12.21
CA LEU A 101 21.98 9.76 10.76
C LEU A 101 22.14 11.16 10.19
N ARG A 102 21.53 12.18 10.82
CA ARG A 102 21.63 13.58 10.39
C ARG A 102 23.03 14.11 10.70
N ARG A 103 23.59 13.71 11.85
CA ARG A 103 24.93 14.08 12.32
C ARG A 103 26.02 13.39 11.50
N ARG A 104 25.76 12.13 11.06
CA ARG A 104 26.69 11.33 10.26
C ARG A 104 26.78 11.83 8.82
N TYR A 105 25.64 12.22 8.22
CA TYR A 105 25.55 12.75 6.86
C TYR A 105 25.85 14.26 6.81
N ASN A 106 26.08 14.88 7.99
CA ASN A 106 26.38 16.30 8.22
C ASN A 106 25.27 17.23 7.69
N GLN A 107 24.01 16.82 7.92
CA GLN A 107 22.81 17.55 7.50
C GLN A 107 22.23 18.38 8.64
N THR A 108 21.72 19.58 8.33
CA THR A 108 21.13 20.49 9.31
C THR A 108 19.65 20.75 9.02
N GLY A 109 18.77 20.10 9.78
CA GLY A 109 17.31 20.21 9.65
C GLY A 109 16.78 19.58 8.37
N GLY A 110 15.65 20.10 7.85
CA GLY A 110 15.01 19.61 6.63
C GLY A 110 14.13 18.39 6.89
N SER A 111 13.62 17.77 5.82
CA SER A 111 12.76 16.59 5.89
C SER A 111 13.55 15.31 5.59
N HIS A 112 13.74 14.47 6.64
CA HIS A 112 14.47 13.20 6.53
C HIS A 112 13.63 12.04 7.06
N THR A 113 13.74 10.86 6.42
CA THR A 113 12.95 9.69 6.82
C THR A 113 13.78 8.43 7.03
N VAL A 114 13.35 7.61 8.02
CA VAL A 114 13.94 6.32 8.39
C VAL A 114 12.85 5.26 8.20
N GLN A 115 13.09 4.30 7.28
CA GLN A 115 12.14 3.23 6.96
C GLN A 115 12.69 1.86 7.32
N TRP A 116 11.85 1.02 7.94
CA TRP A 116 12.21 -0.34 8.33
C TRP A 116 11.28 -1.38 7.70
N MET A 117 11.86 -2.46 7.15
CA MET A 117 11.13 -3.54 6.52
C MET A 117 11.57 -4.87 7.14
N SER A 118 10.66 -5.53 7.86
CA SER A 118 10.93 -6.79 8.55
C SER A 118 9.79 -7.78 8.34
N GLY A 119 10.10 -9.09 8.38
CA GLY A 119 9.11 -10.14 8.21
C GLY A 119 9.66 -11.43 7.61
N CYS A 120 8.77 -12.42 7.43
CA CYS A 120 9.08 -13.75 6.89
C CYS A 120 8.05 -14.20 5.87
N ASP A 121 8.45 -15.11 4.96
CA ASP A 121 7.59 -15.65 3.90
C ASP A 121 7.63 -17.17 3.88
N ILE A 122 6.45 -17.81 3.73
CA ILE A 122 6.32 -19.27 3.64
C ILE A 122 5.99 -19.62 2.19
N LEU A 123 6.94 -20.27 1.49
CA LEU A 123 6.78 -20.67 0.09
C LEU A 123 6.55 -22.18 -0.06
N GLU A 124 5.97 -22.61 -1.20
CA GLU A 124 5.65 -24.01 -1.50
C GLU A 124 6.91 -24.89 -1.77
N ASP A 125 7.64 -25.18 -0.67
CA ASP A 125 8.87 -26.00 -0.60
C ASP A 125 9.97 -25.67 -1.66
N GLY A 126 10.43 -24.40 -1.80
CA GLY A 126 9.98 -23.18 -1.11
C GLY A 126 10.79 -22.82 0.13
N THR A 127 10.59 -23.56 1.24
CA THR A 127 11.20 -23.39 2.57
C THR A 127 10.86 -22.00 3.18
N ILE A 128 11.68 -21.49 4.12
CA ILE A 128 11.45 -20.21 4.81
C ILE A 128 12.42 -19.12 4.33
N ARG A 129 11.88 -17.91 4.04
CA ARG A 129 12.63 -16.74 3.60
C ARG A 129 12.37 -15.58 4.57
N GLY A 130 13.40 -15.18 5.34
CA GLY A 130 13.31 -14.10 6.31
C GLY A 130 14.11 -12.86 5.89
N TYR A 131 13.63 -11.66 6.27
CA TYR A 131 14.28 -10.39 5.92
C TYR A 131 14.16 -9.32 7.02
N HIS A 132 15.17 -8.44 7.10
CA HIS A 132 15.27 -7.32 8.06
C HIS A 132 16.18 -6.25 7.43
N GLN A 133 15.57 -5.26 6.75
CA GLN A 133 16.33 -4.20 6.06
C GLN A 133 15.82 -2.78 6.37
N ALA A 134 16.75 -1.80 6.35
CA ALA A 134 16.48 -0.39 6.62
C ALA A 134 16.76 0.52 5.42
N ALA A 135 16.25 1.76 5.47
CA ALA A 135 16.42 2.78 4.43
C ALA A 135 16.40 4.20 4.98
N TYR A 136 17.28 5.06 4.45
CA TYR A 136 17.39 6.47 4.83
C TYR A 136 17.19 7.34 3.59
N ASP A 137 16.19 8.26 3.65
CA ASP A 137 15.79 9.19 2.59
C ASP A 137 15.35 8.46 1.29
N GLY A 138 14.67 7.30 1.44
CA GLY A 138 14.14 6.50 0.34
C GLY A 138 15.16 5.56 -0.32
N ARG A 139 16.45 5.64 0.07
CA ARG A 139 17.53 4.82 -0.48
C ARG A 139 17.99 3.78 0.53
N ASP A 140 18.39 2.58 0.04
CA ASP A 140 18.86 1.45 0.84
C ASP A 140 20.07 1.80 1.71
N PHE A 141 20.01 1.39 2.99
CA PHE A 141 21.06 1.66 3.97
C PHE A 141 21.73 0.37 4.46
N VAL A 142 20.99 -0.49 5.20
CA VAL A 142 21.48 -1.77 5.72
C VAL A 142 20.47 -2.91 5.50
N ALA A 143 20.97 -4.15 5.40
CA ALA A 143 20.15 -5.35 5.20
C ALA A 143 20.78 -6.53 5.95
N PHE A 144 19.98 -7.22 6.77
CA PHE A 144 20.43 -8.37 7.56
C PHE A 144 20.43 -9.65 6.72
N ASP A 145 21.56 -10.37 6.74
CA ASP A 145 21.74 -11.65 6.04
C ASP A 145 21.84 -12.75 7.08
N LYS A 146 20.77 -13.55 7.24
CA LYS A 146 20.66 -14.63 8.23
C LYS A 146 21.63 -15.80 7.97
N GLY A 147 22.07 -15.99 6.71
CA GLY A 147 22.99 -17.06 6.31
C GLY A 147 24.39 -16.86 6.91
N THR A 148 24.92 -15.63 6.81
CA THR A 148 26.24 -15.25 7.33
C THR A 148 26.17 -14.63 8.73
N MET A 149 24.93 -14.31 9.20
CA MET A 149 24.62 -13.70 10.51
C MET A 149 25.28 -12.32 10.70
N THR A 150 25.44 -11.57 9.60
CA THR A 150 26.05 -10.24 9.57
C THR A 150 25.14 -9.20 8.90
N LEU A 151 25.23 -7.94 9.33
CA LEU A 151 24.46 -6.83 8.78
C LEU A 151 25.24 -6.24 7.59
N THR A 152 24.71 -6.43 6.36
CA THR A 152 25.34 -5.95 5.13
C THR A 152 25.15 -4.44 4.96
N ALA A 153 26.26 -3.71 4.74
CA ALA A 153 26.26 -2.26 4.55
C ALA A 153 26.23 -1.93 3.05
N ALA A 154 25.14 -1.27 2.61
CA ALA A 154 24.95 -0.90 1.20
C ALA A 154 25.66 0.40 0.81
N VAL A 155 25.67 1.40 1.73
CA VAL A 155 26.27 2.71 1.51
C VAL A 155 27.58 2.88 2.36
N PRO A 156 28.55 3.75 1.93
CA PRO A 156 29.77 3.99 2.71
C PRO A 156 29.53 4.63 4.09
N GLU A 157 28.33 5.21 4.32
CA GLU A 157 27.93 5.83 5.58
C GLU A 157 27.31 4.80 6.55
N ALA A 158 27.16 3.55 6.09
CA ALA A 158 26.56 2.46 6.88
C ALA A 158 27.59 1.58 7.63
N VAL A 159 28.90 1.87 7.49
CA VAL A 159 29.96 1.11 8.17
C VAL A 159 29.94 1.34 9.72
N PRO A 160 29.57 2.55 10.26
CA PRO A 160 29.51 2.67 11.74
C PRO A 160 28.31 1.91 12.33
N THR A 161 27.25 1.70 11.53
CA THR A 161 26.03 0.96 11.92
C THR A 161 26.39 -0.53 12.06
N LYS A 162 27.15 -1.08 11.09
CA LYS A 162 27.61 -2.46 11.04
C LYS A 162 28.42 -2.84 12.29
N ARG A 163 29.30 -1.93 12.75
CA ARG A 163 30.15 -2.12 13.93
C ARG A 163 29.37 -2.17 15.24
N LYS A 164 28.41 -1.24 15.46
CA LYS A 164 27.61 -1.19 16.68
C LYS A 164 26.51 -2.27 16.74
N TRP A 165 25.93 -2.65 15.59
CA TRP A 165 24.87 -3.66 15.48
C TRP A 165 25.39 -5.07 15.80
N GLU A 166 26.59 -5.40 15.27
CA GLU A 166 27.24 -6.70 15.48
C GLU A 166 27.80 -6.85 16.90
N GLU A 167 28.20 -5.73 17.54
CA GLU A 167 28.72 -5.70 18.91
C GLU A 167 27.60 -5.92 19.93
N GLY A 168 26.36 -5.52 19.59
CA GLY A 168 25.17 -5.66 20.44
C GLY A 168 24.72 -7.12 20.58
N GLY A 169 24.99 -7.96 19.56
CA GLY A 169 24.63 -9.37 19.55
C GLY A 169 23.15 -9.59 19.24
N TYR A 170 22.61 -8.79 18.30
CA TYR A 170 21.20 -8.88 17.89
C TYR A 170 20.96 -10.02 16.89
N ALA A 171 21.99 -10.35 16.08
CA ALA A 171 21.97 -11.40 15.05
C ALA A 171 21.61 -12.79 15.59
N GLU A 172 22.06 -13.11 16.83
CA GLU A 172 21.82 -14.39 17.50
C GLU A 172 20.33 -14.64 17.78
N GLY A 173 19.59 -13.59 18.15
CA GLY A 173 18.16 -13.66 18.47
C GLY A 173 17.25 -13.33 17.28
N LEU A 174 17.74 -12.53 16.31
CA LEU A 174 16.98 -12.11 15.13
C LEU A 174 16.79 -13.26 14.13
N LYS A 175 17.85 -14.07 13.87
CA LYS A 175 17.76 -15.21 12.95
C LYS A 175 16.85 -16.32 13.48
N GLN A 176 16.76 -16.46 14.83
CA GLN A 176 15.91 -17.43 15.51
C GLN A 176 14.45 -16.99 15.40
N TYR A 177 14.22 -15.67 15.39
CA TYR A 177 12.89 -15.06 15.26
C TYR A 177 12.33 -15.28 13.85
N LEU A 178 13.03 -14.76 12.81
CA LEU A 178 12.66 -14.84 11.40
C LEU A 178 12.46 -16.26 10.86
N GLU A 179 13.13 -17.28 11.46
CA GLU A 179 13.04 -18.67 11.03
C GLU A 179 12.06 -19.52 11.82
N GLU A 180 11.81 -19.18 13.12
CA GLU A 180 10.92 -19.96 13.97
C GLU A 180 9.73 -19.18 14.55
N THR A 181 10.00 -18.11 15.33
CA THR A 181 8.98 -17.28 16.00
C THR A 181 8.03 -16.58 15.00
N CYS A 182 8.59 -15.95 13.95
CA CYS A 182 7.86 -15.24 12.88
C CYS A 182 6.92 -16.20 12.15
N VAL A 183 7.37 -17.44 11.89
CA VAL A 183 6.61 -18.51 11.23
C VAL A 183 5.46 -18.94 12.13
N GLU A 184 5.75 -19.20 13.43
CA GLU A 184 4.77 -19.61 14.46
C GLU A 184 3.61 -18.63 14.59
N TRP A 185 3.89 -17.31 14.52
CA TRP A 185 2.87 -16.26 14.59
C TRP A 185 2.03 -16.21 13.31
N LEU A 186 2.68 -16.33 12.14
CA LEU A 186 2.02 -16.31 10.83
C LEU A 186 1.12 -17.55 10.61
N ARG A 187 1.55 -18.74 11.08
CA ARG A 187 0.80 -19.99 10.96
C ARG A 187 -0.58 -19.93 11.66
N ARG A 188 -0.65 -19.24 12.82
CA ARG A 188 -1.91 -19.09 13.55
C ARG A 188 -2.76 -17.91 13.05
N TYR A 189 -2.12 -16.84 12.50
CA TYR A 189 -2.82 -15.68 11.93
C TYR A 189 -3.66 -16.07 10.71
N VAL A 190 -3.15 -17.04 9.91
CA VAL A 190 -3.83 -17.59 8.72
C VAL A 190 -5.03 -18.43 9.22
N GLU A 191 -4.83 -19.20 10.30
CA GLU A 191 -5.84 -20.06 10.91
C GLU A 191 -7.00 -19.27 11.54
N TYR A 192 -6.71 -18.07 12.09
CA TYR A 192 -7.71 -17.18 12.69
C TYR A 192 -8.67 -16.61 11.65
N GLY A 193 -8.12 -16.07 10.55
CA GLY A 193 -8.90 -15.48 9.45
C GLY A 193 -8.80 -16.30 8.17
N LYS A 194 -9.06 -17.63 8.27
CA LYS A 194 -9.03 -18.56 7.13
C LYS A 194 -10.17 -18.26 6.15
N ALA A 195 -11.33 -17.85 6.68
CA ALA A 195 -12.51 -17.49 5.90
C ALA A 195 -12.42 -16.06 5.37
N GLU A 196 -11.83 -15.14 6.17
CA GLU A 196 -11.66 -13.72 5.81
C GLU A 196 -10.61 -13.51 4.72
N LEU A 197 -9.64 -14.42 4.60
CA LEU A 197 -8.58 -14.35 3.58
C LEU A 197 -8.91 -15.23 2.37
N GLY A 198 -9.66 -16.33 2.59
CA GLY A 198 -10.05 -17.28 1.54
C GLY A 198 -11.40 -16.94 0.88
N ARG A 199 -11.99 -15.77 1.21
CA ARG A 199 -13.26 -15.31 0.64
C ARG A 199 -13.14 -14.90 -0.82
N ARG A 200 -14.26 -14.95 -1.57
CA ARG A 200 -14.30 -14.59 -2.98
C ARG A 200 -15.41 -13.57 -3.25
N GLU A 201 -15.05 -12.44 -3.91
CA GLU A 201 -15.98 -11.36 -4.23
C GLU A 201 -16.00 -11.12 -5.74
N ARG A 202 -17.20 -11.20 -6.36
CA ARG A 202 -17.39 -11.00 -7.80
C ARG A 202 -17.33 -9.51 -8.16
N PRO A 203 -16.52 -9.13 -9.19
CA PRO A 203 -16.41 -7.72 -9.58
C PRO A 203 -17.53 -7.24 -10.50
N GLU A 204 -17.82 -5.93 -10.45
CA GLU A 204 -18.81 -5.28 -11.31
C GLU A 204 -18.06 -4.64 -12.47
N VAL A 205 -18.09 -5.31 -13.64
CA VAL A 205 -17.35 -4.89 -14.83
C VAL A 205 -18.23 -4.03 -15.75
N ARG A 206 -17.73 -2.83 -16.11
CA ARG A 206 -18.40 -1.87 -17.00
C ARG A 206 -17.38 -1.29 -17.98
N VAL A 207 -17.72 -1.26 -19.28
CA VAL A 207 -16.83 -0.72 -20.33
C VAL A 207 -17.34 0.63 -20.84
N TRP A 208 -16.41 1.53 -21.22
CA TRP A 208 -16.72 2.86 -21.71
C TRP A 208 -15.88 3.25 -22.93
N GLY A 209 -16.40 4.17 -23.76
CA GLY A 209 -15.72 4.66 -24.96
C GLY A 209 -15.75 6.18 -25.05
N LYS A 210 -14.61 6.78 -25.40
CA LYS A 210 -14.45 8.23 -25.55
C LYS A 210 -13.58 8.54 -26.78
N GLU A 211 -14.12 9.34 -27.71
CA GLU A 211 -13.42 9.72 -28.94
C GLU A 211 -12.70 11.06 -28.74
N ALA A 212 -11.37 11.07 -28.94
CA ALA A 212 -10.53 12.25 -28.79
C ALA A 212 -10.12 12.82 -30.17
N ASP A 213 -8.83 13.17 -30.37
CA ASP A 213 -8.32 13.71 -31.63
C ASP A 213 -8.18 12.62 -32.70
N GLY A 214 -9.33 12.18 -33.25
CA GLY A 214 -9.42 11.14 -34.28
C GLY A 214 -9.05 9.74 -33.76
N ILE A 215 -9.08 9.53 -32.43
CA ILE A 215 -8.75 8.26 -31.77
C ILE A 215 -9.84 7.89 -30.76
N LEU A 216 -10.35 6.64 -30.86
CA LEU A 216 -11.37 6.10 -29.98
C LEU A 216 -10.69 5.33 -28.84
N THR A 217 -10.78 5.87 -27.61
CA THR A 217 -10.18 5.26 -26.41
C THR A 217 -11.24 4.49 -25.63
N LEU A 218 -11.03 3.17 -25.47
CA LEU A 218 -11.92 2.28 -24.74
C LEU A 218 -11.34 1.95 -23.36
N SER A 219 -12.15 2.12 -22.31
CA SER A 219 -11.74 1.87 -20.92
C SER A 219 -12.59 0.77 -20.26
N CYS A 220 -11.93 -0.18 -19.59
CA CYS A 220 -12.58 -1.29 -18.87
C CYS A 220 -12.20 -1.23 -17.40
N ARG A 221 -13.22 -1.23 -16.50
CA ARG A 221 -13.02 -1.16 -15.06
C ARG A 221 -13.73 -2.28 -14.30
N ALA A 222 -13.03 -2.90 -13.34
CA ALA A 222 -13.57 -3.97 -12.49
C ALA A 222 -13.73 -3.39 -11.07
N HIS A 223 -14.97 -3.46 -10.53
CA HIS A 223 -15.32 -2.88 -9.23
C HIS A 223 -15.54 -3.89 -8.10
N GLY A 224 -14.70 -3.78 -7.04
CA GLY A 224 -14.78 -4.58 -5.82
C GLY A 224 -14.61 -6.09 -5.97
N PHE A 225 -13.36 -6.54 -6.18
CA PHE A 225 -13.02 -7.96 -6.28
C PHE A 225 -12.02 -8.41 -5.21
N TYR A 226 -12.12 -9.69 -4.81
CA TYR A 226 -11.24 -10.32 -3.81
C TYR A 226 -11.04 -11.81 -4.17
N PRO A 227 -9.79 -12.34 -4.17
CA PRO A 227 -8.50 -11.74 -3.78
C PRO A 227 -7.87 -10.78 -4.82
N ARG A 228 -6.65 -10.30 -4.55
CA ARG A 228 -5.87 -9.36 -5.38
C ARG A 228 -5.55 -9.86 -6.81
N PRO A 229 -5.16 -11.15 -7.05
CA PRO A 229 -4.85 -11.57 -8.44
C PRO A 229 -6.02 -11.50 -9.41
N ILE A 230 -5.79 -10.81 -10.55
CA ILE A 230 -6.77 -10.62 -11.65
C ILE A 230 -6.05 -10.51 -13.00
N VAL A 231 -6.68 -11.04 -14.07
CA VAL A 231 -6.16 -11.00 -15.44
C VAL A 231 -7.21 -10.30 -16.31
N VAL A 232 -6.91 -9.05 -16.73
CA VAL A 232 -7.82 -8.26 -17.56
C VAL A 232 -7.17 -7.99 -18.93
N SER A 233 -7.85 -8.40 -20.02
CA SER A 233 -7.37 -8.26 -21.39
C SER A 233 -8.45 -7.76 -22.37
N TRP A 234 -8.02 -7.31 -23.56
CA TRP A 234 -8.90 -6.81 -24.62
C TRP A 234 -9.01 -7.83 -25.76
N LEU A 235 -10.20 -7.93 -26.37
CA LEU A 235 -10.49 -8.85 -27.46
C LEU A 235 -11.19 -8.16 -28.63
N LYS A 236 -10.52 -8.05 -29.79
CA LYS A 236 -11.06 -7.45 -31.01
C LYS A 236 -11.43 -8.56 -31.99
N ASP A 237 -12.73 -8.67 -32.32
CA ASP A 237 -13.33 -9.66 -33.24
C ASP A 237 -13.02 -11.12 -32.83
N GLY A 238 -13.00 -11.40 -31.51
CA GLY A 238 -12.74 -12.72 -30.95
C GLY A 238 -11.26 -12.95 -30.62
N ALA A 239 -10.34 -12.26 -31.32
CA ALA A 239 -8.90 -12.38 -31.11
C ALA A 239 -8.37 -11.37 -30.10
N VAL A 240 -7.50 -11.82 -29.18
CA VAL A 240 -6.90 -10.99 -28.13
C VAL A 240 -5.88 -10.01 -28.75
N ARG A 241 -6.08 -8.70 -28.49
CA ARG A 241 -5.22 -7.63 -29.00
C ARG A 241 -4.59 -6.82 -27.86
N GLY A 242 -3.25 -6.87 -27.75
CA GLY A 242 -2.48 -6.16 -26.72
C GLY A 242 -1.80 -4.88 -27.25
N GLN A 243 -2.05 -4.53 -28.53
CA GLN A 243 -1.49 -3.35 -29.18
C GLN A 243 -2.15 -2.08 -28.62
N ASP A 244 -1.31 -1.12 -28.18
CA ASP A 244 -1.68 0.18 -27.58
C ASP A 244 -2.53 0.03 -26.29
N ALA A 245 -2.30 -1.08 -25.55
CA ALA A 245 -2.99 -1.39 -24.29
C ALA A 245 -2.18 -0.91 -23.09
N GLN A 246 -2.86 -0.25 -22.13
CA GLN A 246 -2.28 0.31 -20.91
C GLN A 246 -3.08 -0.15 -19.67
N SER A 247 -2.37 -0.62 -18.63
CA SER A 247 -2.98 -1.07 -17.38
C SER A 247 -2.55 -0.17 -16.21
N GLY A 248 -3.53 0.22 -15.37
CA GLY A 248 -3.28 1.07 -14.20
C GLY A 248 -2.94 0.26 -12.94
N GLY A 249 -2.75 -1.07 -13.09
CA GLY A 249 -2.42 -1.98 -11.99
C GLY A 249 -3.62 -2.25 -11.07
N ILE A 250 -3.36 -2.77 -9.86
CA ILE A 250 -4.39 -3.07 -8.87
C ILE A 250 -4.37 -2.03 -7.74
N VAL A 251 -5.46 -1.25 -7.65
CA VAL A 251 -5.65 -0.20 -6.65
C VAL A 251 -6.68 -0.62 -5.57
N PRO A 252 -6.35 -0.46 -4.25
CA PRO A 252 -7.27 -0.92 -3.21
C PRO A 252 -8.41 0.04 -2.85
N ASN A 253 -9.52 -0.53 -2.33
CA ASN A 253 -10.69 0.21 -1.86
C ASN A 253 -10.69 0.30 -0.33
N GLY A 254 -11.52 1.19 0.24
CA GLY A 254 -11.60 1.42 1.69
C GLY A 254 -12.29 0.32 2.51
N ASP A 255 -12.87 -0.70 1.85
CA ASP A 255 -13.59 -1.80 2.51
C ASP A 255 -12.83 -3.14 2.50
N GLY A 256 -11.70 -3.22 1.80
CA GLY A 256 -10.88 -4.43 1.72
C GLY A 256 -10.80 -5.00 0.31
N THR A 257 -11.79 -4.68 -0.55
CA THR A 257 -11.86 -5.13 -1.94
C THR A 257 -10.86 -4.37 -2.84
N TYR A 258 -10.69 -4.82 -4.09
CA TYR A 258 -9.76 -4.22 -5.04
C TYR A 258 -10.42 -3.68 -6.31
N HIS A 259 -9.70 -2.79 -7.03
CA HIS A 259 -10.14 -2.14 -8.27
C HIS A 259 -8.99 -2.13 -9.29
N THR A 260 -9.33 -2.18 -10.60
CA THR A 260 -8.37 -2.15 -11.71
C THR A 260 -8.94 -1.40 -12.92
N TRP A 261 -8.08 -0.65 -13.63
CA TRP A 261 -8.44 0.15 -14.80
C TRP A 261 -7.50 -0.13 -15.98
N VAL A 262 -8.08 -0.58 -17.10
CA VAL A 262 -7.33 -0.88 -18.34
C VAL A 262 -7.89 -0.09 -19.54
N THR A 263 -6.98 0.45 -20.36
CA THR A 263 -7.32 1.24 -21.55
C THR A 263 -6.68 0.71 -22.83
N ILE A 264 -7.29 1.05 -23.99
CA ILE A 264 -6.82 0.67 -25.32
C ILE A 264 -7.14 1.77 -26.35
N ASP A 265 -6.19 2.06 -27.26
CA ASP A 265 -6.36 3.05 -28.31
C ASP A 265 -6.79 2.37 -29.60
N ALA A 266 -7.97 2.72 -30.10
CA ALA A 266 -8.57 2.12 -31.30
C ALA A 266 -9.07 3.16 -32.30
N GLN A 267 -9.39 2.70 -33.54
CA GLN A 267 -9.91 3.54 -34.62
C GLN A 267 -11.40 3.88 -34.35
N PRO A 268 -11.85 5.13 -34.70
CA PRO A 268 -13.25 5.53 -34.47
C PRO A 268 -14.26 4.71 -35.26
N GLY A 269 -15.35 4.28 -34.59
CA GLY A 269 -16.42 3.47 -35.18
C GLY A 269 -16.23 1.97 -34.96
N ASP A 270 -15.05 1.56 -34.46
CA ASP A 270 -14.70 0.15 -34.20
C ASP A 270 -14.95 -0.26 -32.73
N GLY A 271 -15.84 0.47 -32.04
CA GLY A 271 -16.21 0.23 -30.62
C GLY A 271 -16.90 -1.11 -30.38
N ASP A 272 -17.78 -1.53 -31.31
CA ASP A 272 -18.53 -2.78 -31.24
C ASP A 272 -17.65 -4.03 -31.38
N LYS A 273 -16.49 -3.89 -32.06
CA LYS A 273 -15.52 -4.97 -32.29
C LYS A 273 -14.80 -5.41 -31.01
N TYR A 274 -14.53 -4.47 -30.10
CA TYR A 274 -13.80 -4.70 -28.85
C TYR A 274 -14.66 -5.27 -27.71
N GLN A 275 -14.04 -6.15 -26.91
CA GLN A 275 -14.61 -6.82 -25.74
C GLN A 275 -13.58 -6.89 -24.61
N CYS A 276 -14.05 -6.90 -23.35
CA CYS A 276 -13.19 -6.96 -22.17
C CYS A 276 -13.24 -8.34 -21.51
N ARG A 277 -12.11 -9.07 -21.55
CA ARG A 277 -11.95 -10.40 -20.97
C ARG A 277 -11.46 -10.26 -19.52
N VAL A 278 -12.26 -10.73 -18.55
CA VAL A 278 -11.94 -10.66 -17.12
C VAL A 278 -11.78 -12.06 -16.54
N GLU A 279 -10.59 -12.36 -15.96
CA GLU A 279 -10.27 -13.65 -15.35
C GLU A 279 -10.06 -13.45 -13.85
N HIS A 280 -10.89 -14.12 -13.02
CA HIS A 280 -10.86 -14.04 -11.57
C HIS A 280 -11.28 -15.36 -10.91
N ALA A 281 -10.93 -15.56 -9.62
CA ALA A 281 -11.26 -16.75 -8.83
C ALA A 281 -12.76 -16.89 -8.57
N SER A 282 -13.50 -15.77 -8.48
CA SER A 282 -14.94 -15.72 -8.25
C SER A 282 -15.74 -16.25 -9.46
N LEU A 283 -15.19 -16.10 -10.68
CA LEU A 283 -15.82 -16.55 -11.92
C LEU A 283 -15.25 -17.92 -12.37
N PRO A 284 -16.12 -18.93 -12.63
CA PRO A 284 -15.64 -20.25 -13.08
C PRO A 284 -15.05 -20.20 -14.49
N GLN A 285 -15.58 -19.30 -15.35
CA GLN A 285 -15.14 -19.08 -16.73
C GLN A 285 -14.87 -17.58 -16.96
N PRO A 286 -13.94 -17.21 -17.90
CA PRO A 286 -13.66 -15.78 -18.16
C PRO A 286 -14.88 -15.05 -18.72
N GLY A 287 -15.25 -13.92 -18.10
CA GLY A 287 -16.40 -13.12 -18.49
C GLY A 287 -16.05 -12.07 -19.54
N LEU A 288 -16.77 -12.09 -20.67
CA LEU A 288 -16.59 -11.16 -21.78
C LEU A 288 -17.63 -10.04 -21.68
N TYR A 289 -17.16 -8.77 -21.66
CA TYR A 289 -18.01 -7.60 -21.50
C TYR A 289 -17.89 -6.63 -22.68
N SER A 290 -19.04 -6.18 -23.22
CA SER A 290 -19.12 -5.26 -24.35
C SER A 290 -19.96 -4.01 -24.01
N TRP A 291 -19.96 -3.00 -24.91
CA TRP A 291 -20.68 -1.73 -24.78
C TRP A 291 -22.19 -1.94 -24.66
N ASP B 1 14.04 12.64 -5.24
CA ASP B 1 12.62 12.87 -5.04
C ASP B 1 11.79 12.28 -6.19
N LEU B 2 10.71 11.56 -5.86
CA LEU B 2 9.82 10.90 -6.83
C LEU B 2 8.42 11.52 -6.88
N THR B 3 7.87 11.67 -8.11
CA THR B 3 6.55 12.23 -8.39
C THR B 3 5.43 11.21 -8.10
N PRO B 4 4.28 11.64 -7.50
CA PRO B 4 3.19 10.71 -7.19
C PRO B 4 2.36 10.32 -8.41
N LYS B 5 1.95 9.03 -8.45
CA LYS B 5 1.11 8.46 -9.50
C LYS B 5 -0.31 8.40 -8.94
N VAL B 6 -1.18 9.31 -9.41
CA VAL B 6 -2.55 9.48 -8.91
C VAL B 6 -3.60 8.86 -9.84
N GLN B 7 -4.61 8.18 -9.23
CA GLN B 7 -5.74 7.55 -9.91
C GLN B 7 -7.04 7.83 -9.14
N VAL B 8 -8.05 8.37 -9.86
CA VAL B 8 -9.37 8.68 -9.29
C VAL B 8 -10.39 7.71 -9.85
N TYR B 9 -11.13 7.03 -8.94
CA TYR B 9 -12.14 6.01 -9.27
C TYR B 9 -13.19 5.88 -8.16
N SER B 10 -14.34 5.28 -8.51
CA SER B 10 -15.44 5.04 -7.57
C SER B 10 -15.49 3.58 -7.15
N ARG B 11 -16.02 3.29 -5.95
CA ARG B 11 -16.15 1.93 -5.42
C ARG B 11 -17.15 1.10 -6.23
N PHE B 12 -18.32 1.68 -6.54
CA PHE B 12 -19.37 1.05 -7.35
C PHE B 12 -19.49 1.77 -8.70
N PRO B 13 -20.03 1.10 -9.77
CA PRO B 13 -20.21 1.77 -11.06
C PRO B 13 -21.15 2.97 -10.93
N ALA B 14 -20.69 4.15 -11.39
CA ALA B 14 -21.38 5.43 -11.31
C ALA B 14 -22.80 5.43 -11.91
N SER B 15 -23.77 5.87 -11.09
CA SER B 15 -25.19 6.00 -11.41
C SER B 15 -25.83 7.01 -10.47
N ALA B 16 -26.54 8.01 -11.03
CA ALA B 16 -27.20 9.08 -10.27
C ALA B 16 -28.30 8.56 -9.35
N GLY B 17 -28.33 9.06 -8.09
CA GLY B 17 -29.32 8.67 -7.09
C GLY B 17 -28.78 7.60 -6.14
N THR B 18 -28.04 6.61 -6.67
CA THR B 18 -27.45 5.50 -5.91
C THR B 18 -26.20 5.96 -5.14
N LYS B 19 -26.07 5.52 -3.87
CA LYS B 19 -24.95 5.85 -2.98
C LYS B 19 -23.65 5.18 -3.46
N ASN B 20 -22.53 5.91 -3.37
CA ASN B 20 -21.20 5.45 -3.79
C ASN B 20 -20.09 5.97 -2.87
N VAL B 21 -18.82 5.60 -3.18
CA VAL B 21 -17.63 6.01 -2.43
C VAL B 21 -16.56 6.46 -3.45
N LEU B 22 -16.10 7.72 -3.36
CA LEU B 22 -15.07 8.28 -4.24
C LEU B 22 -13.68 8.03 -3.67
N ASN B 23 -12.79 7.42 -4.47
CA ASN B 23 -11.44 7.09 -4.05
C ASN B 23 -10.37 7.85 -4.82
N CYS B 24 -9.26 8.16 -4.14
CA CYS B 24 -8.08 8.85 -4.68
C CYS B 24 -6.83 8.19 -4.11
N PHE B 25 -6.11 7.44 -4.97
CA PHE B 25 -4.90 6.70 -4.58
C PHE B 25 -3.64 7.26 -5.23
N ALA B 26 -2.69 7.69 -4.38
CA ALA B 26 -1.39 8.23 -4.80
C ALA B 26 -0.29 7.26 -4.35
N ALA B 27 0.64 6.91 -5.27
CA ALA B 27 1.74 5.98 -5.00
C ALA B 27 3.01 6.31 -5.78
N GLY B 28 4.15 5.75 -5.34
CA GLY B 28 5.46 5.93 -5.99
C GLY B 28 6.05 7.32 -5.74
N PHE B 29 5.93 7.84 -4.51
CA PHE B 29 6.44 9.17 -4.15
C PHE B 29 7.30 9.18 -2.89
N HIS B 30 8.15 10.22 -2.77
CA HIS B 30 9.06 10.47 -1.64
C HIS B 30 9.42 11.97 -1.60
N PRO B 31 9.38 12.66 -0.42
CA PRO B 31 9.06 12.22 0.95
C PRO B 31 7.56 11.91 1.21
N PRO B 32 7.18 11.40 2.42
CA PRO B 32 5.76 11.11 2.72
C PRO B 32 4.84 12.32 2.92
N LYS B 33 5.41 13.54 3.06
CA LYS B 33 4.64 14.77 3.24
C LYS B 33 3.83 15.11 1.98
N ILE B 34 2.56 14.65 1.97
CA ILE B 34 1.62 14.83 0.85
C ILE B 34 0.25 15.34 1.32
N SER B 35 -0.41 16.17 0.49
CA SER B 35 -1.73 16.74 0.75
C SER B 35 -2.70 16.30 -0.35
N ILE B 36 -3.64 15.40 0.00
CA ILE B 36 -4.64 14.85 -0.91
C ILE B 36 -6.04 15.29 -0.47
N THR B 37 -6.81 15.92 -1.38
CA THR B 37 -8.16 16.43 -1.08
C THR B 37 -9.16 16.05 -2.17
N LEU B 38 -10.31 15.48 -1.78
CA LEU B 38 -11.40 15.11 -2.68
C LEU B 38 -12.33 16.33 -2.80
N MET B 39 -12.56 16.80 -4.04
CA MET B 39 -13.37 17.99 -4.29
C MET B 39 -14.59 17.77 -5.18
N LYS B 40 -15.64 18.59 -4.93
CA LYS B 40 -16.90 18.63 -5.67
C LYS B 40 -17.06 20.08 -6.14
N ASP B 41 -16.79 20.33 -7.45
CA ASP B 41 -16.84 21.64 -8.11
C ASP B 41 -15.87 22.66 -7.47
N GLY B 42 -14.71 22.17 -6.97
CA GLY B 42 -13.68 22.98 -6.33
C GLY B 42 -13.81 23.03 -4.80
N VAL B 43 -14.99 22.67 -4.26
CA VAL B 43 -15.28 22.69 -2.82
C VAL B 43 -14.87 21.32 -2.21
N PRO B 44 -14.05 21.31 -1.12
CA PRO B 44 -13.63 20.05 -0.48
C PRO B 44 -14.80 19.26 0.09
N MET B 45 -14.84 17.95 -0.20
CA MET B 45 -15.89 17.01 0.21
C MET B 45 -15.88 16.72 1.71
N GLU B 46 -17.07 16.50 2.30
CA GLU B 46 -17.27 16.20 3.71
C GLU B 46 -17.24 14.69 4.00
N GLY B 47 -16.76 14.33 5.20
CA GLY B 47 -16.66 12.95 5.68
C GLY B 47 -15.58 12.15 4.93
N ALA B 48 -14.41 12.76 4.71
CA ALA B 48 -13.28 12.13 4.02
C ALA B 48 -12.38 11.38 5.00
N GLN B 49 -12.11 10.11 4.71
CA GLN B 49 -11.28 9.23 5.54
C GLN B 49 -9.93 8.99 4.89
N TYR B 50 -8.85 9.20 5.67
CA TYR B 50 -7.47 9.05 5.21
C TYR B 50 -6.89 7.70 5.62
N SER B 51 -6.01 7.14 4.77
CA SER B 51 -5.35 5.84 5.00
C SER B 51 -4.28 5.94 6.08
N ASP B 52 -3.86 4.77 6.61
CA ASP B 52 -2.84 4.62 7.65
C ASP B 52 -1.43 4.89 7.09
N MET B 53 -1.31 4.96 5.75
CA MET B 53 -0.12 5.21 4.94
C MET B 53 0.96 4.12 5.10
N SER B 54 1.12 3.32 4.04
CA SER B 54 2.11 2.25 3.96
C SER B 54 3.10 2.53 2.81
N PHE B 55 4.12 1.67 2.63
CA PHE B 55 5.09 1.81 1.55
C PHE B 55 5.43 0.47 0.89
N ASN B 56 5.71 0.52 -0.42
CA ASN B 56 6.05 -0.65 -1.25
C ASN B 56 7.48 -1.18 -1.03
N ASP B 57 7.84 -2.26 -1.76
CA ASP B 57 9.13 -2.94 -1.73
C ASP B 57 10.31 -2.03 -2.12
N ASP B 58 10.07 -1.06 -3.01
CA ASP B 58 11.07 -0.11 -3.49
C ASP B 58 11.14 1.17 -2.63
N TRP B 59 10.62 1.10 -1.38
CA TRP B 59 10.57 2.14 -0.34
C TRP B 59 9.63 3.32 -0.66
N THR B 60 8.92 3.27 -1.81
CA THR B 60 7.99 4.33 -2.24
C THR B 60 6.67 4.26 -1.47
N PHE B 61 6.22 5.42 -0.96
CA PHE B 61 5.00 5.59 -0.16
C PHE B 61 3.70 5.56 -0.96
N GLN B 62 2.58 5.19 -0.29
CA GLN B 62 1.24 5.12 -0.85
C GLN B 62 0.14 5.51 0.16
N ARG B 63 -0.87 6.27 -0.30
CA ARG B 63 -1.99 6.74 0.53
C ARG B 63 -3.31 6.79 -0.26
N LEU B 64 -4.40 6.30 0.37
CA LEU B 64 -5.75 6.25 -0.21
C LEU B 64 -6.72 7.12 0.59
N VAL B 65 -7.49 7.98 -0.11
CA VAL B 65 -8.49 8.86 0.51
C VAL B 65 -9.87 8.49 -0.02
N HIS B 66 -10.79 8.09 0.87
CA HIS B 66 -12.15 7.71 0.50
C HIS B 66 -13.23 8.47 1.26
N ALA B 67 -14.34 8.81 0.57
CA ALA B 67 -15.48 9.54 1.14
C ALA B 67 -16.80 9.06 0.55
N ASP B 68 -17.81 8.84 1.43
CA ASP B 68 -19.15 8.41 1.04
C ASP B 68 -19.90 9.58 0.41
N PHE B 69 -20.46 9.37 -0.81
CA PHE B 69 -21.17 10.41 -1.56
C PHE B 69 -22.24 9.84 -2.50
N THR B 70 -23.11 10.72 -3.03
CA THR B 70 -24.13 10.37 -4.00
C THR B 70 -23.84 11.20 -5.27
N PRO B 71 -23.46 10.54 -6.40
CA PRO B 71 -23.13 11.25 -7.64
C PRO B 71 -24.32 11.99 -8.24
N SER B 72 -24.17 13.31 -8.41
CA SER B 72 -25.20 14.20 -8.97
C SER B 72 -24.82 14.69 -10.36
N SER B 73 -25.82 14.79 -11.26
CA SER B 73 -25.65 15.24 -12.64
C SER B 73 -25.30 16.73 -12.70
N GLY B 74 -24.27 17.08 -13.49
CA GLY B 74 -23.80 18.46 -13.66
C GLY B 74 -22.57 18.75 -12.79
N SER B 75 -22.44 18.07 -11.64
CA SER B 75 -21.33 18.23 -10.70
C SER B 75 -20.03 17.63 -11.24
N THR B 76 -18.91 18.34 -11.03
CA THR B 76 -17.58 17.90 -11.46
C THR B 76 -16.76 17.47 -10.24
N TYR B 77 -16.46 16.16 -10.16
CA TYR B 77 -15.68 15.57 -9.06
C TYR B 77 -14.22 15.44 -9.48
N ALA B 78 -13.31 15.95 -8.65
CA ALA B 78 -11.87 15.92 -8.90
C ALA B 78 -11.05 15.74 -7.61
N CYS B 79 -9.76 15.36 -7.75
CA CYS B 79 -8.85 15.15 -6.63
C CYS B 79 -7.63 16.07 -6.75
N LYS B 80 -7.37 16.87 -5.69
CA LYS B 80 -6.23 17.79 -5.64
C LYS B 80 -5.09 17.15 -4.86
N VAL B 81 -3.91 17.03 -5.52
CA VAL B 81 -2.72 16.43 -4.93
C VAL B 81 -1.58 17.47 -4.88
N GLU B 82 -1.06 17.72 -3.66
CA GLU B 82 0.02 18.67 -3.42
C GLU B 82 1.26 17.95 -2.86
N HIS B 83 2.40 18.13 -3.55
CA HIS B 83 3.70 17.54 -3.20
C HIS B 83 4.84 18.52 -3.52
N GLU B 84 5.99 18.36 -2.85
CA GLU B 84 7.15 19.23 -3.06
C GLU B 84 7.86 19.01 -4.41
N THR B 85 7.59 17.85 -5.07
CA THR B 85 8.14 17.52 -6.39
C THR B 85 7.52 18.40 -7.48
N LEU B 86 6.25 18.78 -7.30
CA LEU B 86 5.50 19.64 -8.23
C LEU B 86 5.45 21.07 -7.70
N LYS B 87 5.68 22.06 -8.58
CA LYS B 87 5.62 23.48 -8.22
C LYS B 87 4.23 24.08 -8.53
N GLU B 88 3.26 23.19 -8.81
CA GLU B 88 1.86 23.50 -9.13
C GLU B 88 0.93 22.40 -8.56
N PRO B 89 -0.27 22.76 -8.02
CA PRO B 89 -1.19 21.74 -7.50
C PRO B 89 -1.85 20.96 -8.63
N GLN B 90 -1.59 19.64 -8.68
CA GLN B 90 -2.13 18.75 -9.71
C GLN B 90 -3.56 18.33 -9.42
N VAL B 91 -4.46 18.61 -10.37
CA VAL B 91 -5.89 18.28 -10.26
C VAL B 91 -6.22 17.14 -11.23
N TYR B 92 -6.73 16.01 -10.68
CA TYR B 92 -7.11 14.83 -11.44
C TYR B 92 -8.63 14.67 -11.41
N LYS B 93 -9.28 14.90 -12.57
CA LYS B 93 -10.73 14.85 -12.73
C LYS B 93 -11.28 13.42 -12.83
N TRP B 94 -12.42 13.16 -12.17
CA TRP B 94 -13.10 11.87 -12.18
C TRP B 94 -14.21 11.86 -13.23
N ASP B 95 -14.17 10.88 -14.14
CA ASP B 95 -15.16 10.72 -15.19
C ASP B 95 -16.12 9.58 -14.83
N PRO B 96 -17.45 9.87 -14.69
CA PRO B 96 -18.42 8.84 -14.34
C PRO B 96 -18.67 7.84 -15.47
N GLU B 97 -18.46 8.27 -16.74
CA GLU B 97 -18.66 7.46 -17.94
C GLU B 97 -17.34 7.09 -18.65
N PHE B 98 -16.27 6.85 -17.88
CA PHE B 98 -14.93 6.46 -18.37
C PHE B 98 -14.08 5.83 -17.25
N GLY C 1 2.65 -9.91 16.43
CA GLY C 1 3.74 -10.88 16.49
C GLY C 1 5.10 -10.22 16.27
N HIS C 2 5.34 -9.07 16.93
CA HIS C 2 6.59 -8.31 16.86
C HIS C 2 7.69 -9.02 17.65
N ALA C 3 8.95 -8.80 17.25
CA ALA C 3 10.12 -9.38 17.94
C ALA C 3 10.39 -8.60 19.22
N GLU C 4 10.52 -9.32 20.37
CA GLU C 4 10.77 -8.76 21.71
C GLU C 4 11.95 -7.78 21.73
N GLU C 5 13.03 -8.11 21.00
CA GLU C 5 14.23 -7.29 20.91
C GLU C 5 14.02 -6.13 19.91
N TYR C 6 13.67 -4.94 20.44
CA TYR C 6 13.46 -3.74 19.64
C TYR C 6 14.77 -3.00 19.34
N GLY C 7 15.89 -3.46 19.94
CA GLY C 7 17.23 -2.91 19.77
C GLY C 7 17.84 -3.27 18.40
N ALA C 8 17.21 -4.22 17.66
CA ALA C 8 17.64 -4.64 16.32
C ALA C 8 17.38 -3.55 15.27
N ASP C 9 16.65 -2.48 15.66
CA ASP C 9 16.31 -1.33 14.82
C ASP C 9 17.32 -0.16 14.95
N THR C 10 18.37 -0.34 15.78
CA THR C 10 19.41 0.68 16.01
C THR C 10 20.29 0.93 14.79
N LEU C 11 20.54 2.21 14.47
CA LEU C 11 21.36 2.64 13.35
C LEU C 11 22.47 3.59 13.80
#